data_4J8F
#
_entry.id   4J8F
#
_cell.length_a   65.596
_cell.length_b   65.596
_cell.length_c   141.470
_cell.angle_alpha   90.000
_cell.angle_beta   90.000
_cell.angle_gamma   90.000
#
_symmetry.space_group_name_H-M   'P 41'
#
loop_
_entity.id
_entity.type
_entity.pdbx_description
1 polymer 'Heat shock 70 kDa protein 1A/1B, Hsc70-interacting protein'
2 non-polymer "ADENOSINE-5'-DIPHOSPHATE"
3 non-polymer 'MAGNESIUM ION'
4 non-polymer 'PHOSPHATE ION'
5 non-polymer 'IODIDE ION'
6 water water
#
_entity_poly.entity_id   1
_entity_poly.type   'polypeptide(L)'
_entity_poly.pdbx_seq_one_letter_code
;GAMDPEFMAKAAAIGIDLGTTYSCVGVFQHGKVEIIANDQGNRTTPSYVAFTDTERLIGDAAKNQVALNPQNTVFDAKRL
IGRKFGDPVVQSDMKHWPFQVINDGDKPKVQVSYKGETKAFYPEEISSMVLTKMKEIAEAYLGYPVTNAVITVPAYFNDS
QRQATKDAGVIAGLNVLRIINEPTAAAIAYGLDRTGKGERNVLIFDLGGGTFDVSILTIDDGIFEVKATAGDTHLGGEDF
DNRLVNHFVEEFKRKHKKDISQNKRAVRRLRTACERAKRTLSSSTQASLEIDSLFEGIDFYTSITRARFEELCSDLFRST
LEPVEKALRDAKLDKAQIHDLVLVGGSTRIPKVQKLLQDFFNGRDLNKSINPDEAVAYGAAVQAAILMGLESDLEIDNEG
VIEADTDAPQEMGDENAEITEAMMDEANEKKGAAIDALNDGELQKAIDLFTDAIKLNPRLAILYAKRASVFVKLQKPNAA
IRDCDRAIEINPDSAQPYKWRGKAHRLLGHWEEAARDLALACKLDYDEDASAMLREVQPRAQKIAEHRRKYERKREEREI
K
;
_entity_poly.pdbx_strand_id   A
#
loop_
_chem_comp.id
_chem_comp.type
_chem_comp.name
_chem_comp.formula
ADP non-polymer ADENOSINE-5'-DIPHOSPHATE 'C10 H15 N5 O10 P2'
IOD non-polymer 'IODIDE ION' 'I -1'
MG non-polymer 'MAGNESIUM ION' 'Mg 2'
PO4 non-polymer 'PHOSPHATE ION' 'O4 P -3'
#
# COMPACT_ATOMS: atom_id res chain seq x y z
N PHE A 7 -20.49 -7.42 -22.00
CA PHE A 7 -19.27 -7.37 -21.14
C PHE A 7 -19.58 -6.74 -19.79
N MET A 8 -18.75 -7.08 -18.82
CA MET A 8 -18.78 -6.47 -17.49
C MET A 8 -18.05 -5.11 -17.50
N ALA A 9 -17.94 -4.51 -16.32
CA ALA A 9 -17.19 -3.27 -16.16
C ALA A 9 -15.74 -3.43 -16.63
N LYS A 10 -15.15 -2.30 -16.98
CA LYS A 10 -13.74 -2.22 -17.23
C LYS A 10 -13.07 -2.57 -15.90
N ALA A 11 -11.76 -2.79 -15.91
CA ALA A 11 -11.00 -3.02 -14.70
C ALA A 11 -10.99 -1.72 -13.89
N ALA A 12 -11.24 -1.83 -12.59
CA ALA A 12 -11.22 -0.66 -11.71
C ALA A 12 -9.80 -0.20 -11.38
N ALA A 13 -9.69 1.04 -10.93
CA ALA A 13 -8.47 1.59 -10.40
C ALA A 13 -8.53 1.46 -8.89
N ILE A 14 -7.41 1.17 -8.25
CA ILE A 14 -7.45 1.02 -6.80
C ILE A 14 -7.01 2.29 -6.12
N GLY A 15 -7.43 2.45 -4.86
CA GLY A 15 -6.94 3.53 -4.01
C GLY A 15 -6.10 2.92 -2.90
N ILE A 16 -4.90 3.47 -2.72
CA ILE A 16 -3.96 2.93 -1.74
C ILE A 16 -3.51 3.97 -0.71
N ASP A 17 -3.66 3.63 0.56
CA ASP A 17 -3.08 4.42 1.64
C ASP A 17 -1.76 3.75 2.06
N LEU A 18 -0.64 4.37 1.66
CA LEU A 18 0.70 3.90 2.00
C LEU A 18 1.14 4.50 3.34
N GLY A 19 0.87 3.78 4.41
CA GLY A 19 1.11 4.27 5.77
C GLY A 19 2.46 3.96 6.34
N THR A 20 2.85 4.76 7.34
CA THR A 20 4.07 4.59 8.11
C THR A 20 4.05 3.25 8.85
N THR A 21 2.90 2.89 9.40
CA THR A 21 2.82 1.68 10.19
C THR A 21 1.95 0.59 9.56
N TYR A 22 0.84 1.02 8.96
CA TYR A 22 -0.05 0.12 8.21
C TYR A 22 -0.36 0.71 6.85
N SER A 23 -0.73 -0.17 5.92
CA SER A 23 -1.21 0.23 4.63
C SER A 23 -2.59 -0.37 4.38
N CYS A 24 -3.33 0.28 3.48
CA CYS A 24 -4.74 -0.02 3.29
C CYS A 24 -5.17 0.26 1.84
N VAL A 25 -5.93 -0.67 1.25
CA VAL A 25 -6.37 -0.51 -0.13
C VAL A 25 -7.89 -0.64 -0.28
N GLY A 26 -8.43 0.21 -1.14
CA GLY A 26 -9.86 0.18 -1.45
C GLY A 26 -10.14 0.29 -2.94
N VAL A 27 -11.35 -0.06 -3.31
CA VAL A 27 -11.83 -0.01 -4.68
C VAL A 27 -13.28 0.46 -4.72
N PHE A 28 -13.63 1.26 -5.74
CA PHE A 28 -15.00 1.73 -5.91
C PHE A 28 -15.69 0.94 -7.01
N GLN A 29 -16.75 0.23 -6.62
CA GLN A 29 -17.55 -0.61 -7.50
C GLN A 29 -19.03 -0.60 -7.14
N HIS A 30 -19.88 -0.70 -8.18
CA HIS A 30 -21.33 -0.81 -7.99
C HIS A 30 -21.86 0.23 -6.99
N GLY A 31 -21.45 1.48 -7.17
CA GLY A 31 -21.90 2.56 -6.31
C GLY A 31 -21.33 2.58 -4.89
N LYS A 32 -20.33 1.76 -4.58
CA LYS A 32 -19.70 1.87 -3.25
C LYS A 32 -18.27 1.38 -3.13
N VAL A 33 -17.54 1.97 -2.18
CA VAL A 33 -16.16 1.61 -1.90
C VAL A 33 -16.08 0.31 -1.09
N GLU A 34 -15.24 -0.61 -1.54
CA GLU A 34 -14.88 -1.79 -0.77
C GLU A 34 -13.43 -1.70 -0.30
N ILE A 35 -13.24 -1.63 1.02
CA ILE A 35 -11.92 -1.74 1.63
C ILE A 35 -11.57 -3.22 1.62
N ILE A 36 -10.48 -3.59 0.96
CA ILE A 36 -10.21 -5.01 0.67
C ILE A 36 -9.41 -5.78 1.73
N ALA A 37 -9.96 -6.91 2.18
CA ALA A 37 -9.28 -7.75 3.15
C ALA A 37 -8.16 -8.62 2.53
N ASN A 38 -7.03 -8.72 3.24
CA ASN A 38 -5.91 -9.52 2.79
C ASN A 38 -6.04 -11.00 3.10
N ASP A 39 -5.02 -11.79 2.71
CA ASP A 39 -5.07 -13.25 2.88
C ASP A 39 -5.32 -13.69 4.32
N GLN A 40 -4.71 -12.97 5.28
CA GLN A 40 -4.87 -13.30 6.69
C GLN A 40 -6.14 -12.70 7.32
N GLY A 41 -6.95 -12.00 6.52
CA GLY A 41 -8.29 -11.49 6.94
C GLY A 41 -8.40 -10.03 7.39
N ASN A 42 -7.27 -9.33 7.46
CA ASN A 42 -7.30 -7.97 7.96
C ASN A 42 -7.42 -6.93 6.86
N ARG A 43 -8.22 -5.91 7.17
CA ARG A 43 -8.51 -4.81 6.25
C ARG A 43 -7.41 -3.73 6.18
N THR A 44 -6.33 -3.93 6.94
CA THR A 44 -5.12 -3.09 6.91
C THR A 44 -3.91 -4.02 7.06
N THR A 45 -2.78 -3.65 6.48
CA THR A 45 -1.56 -4.47 6.45
C THR A 45 -0.31 -3.74 6.97
N PRO A 46 0.41 -4.31 7.95
CA PRO A 46 1.63 -3.65 8.44
C PRO A 46 2.61 -3.33 7.31
N SER A 47 3.16 -2.12 7.35
CA SER A 47 4.10 -1.67 6.35
C SER A 47 5.47 -2.25 6.60
N TYR A 48 5.52 -3.57 6.65
CA TYR A 48 6.71 -4.30 7.03
C TYR A 48 7.21 -5.20 5.91
N VAL A 49 8.54 -5.22 5.74
CA VAL A 49 9.19 -6.14 4.82
C VAL A 49 10.30 -6.84 5.58
N ALA A 50 10.32 -8.17 5.54
CA ALA A 50 11.39 -8.92 6.20
C ALA A 50 12.21 -9.77 5.22
N PHE A 51 13.50 -9.91 5.51
CA PHE A 51 14.37 -10.76 4.70
C PHE A 51 14.95 -11.88 5.56
N THR A 52 15.12 -13.07 4.99
CA THR A 52 15.60 -14.24 5.76
C THR A 52 16.47 -15.18 4.96
N ASP A 53 16.82 -16.30 5.58
CA ASP A 53 17.61 -17.33 4.93
C ASP A 53 17.03 -17.82 3.61
N THR A 54 15.70 -17.93 3.51
CA THR A 54 15.09 -18.57 2.34
C THR A 54 14.15 -17.72 1.47
N GLU A 55 13.56 -16.67 2.03
CA GLU A 55 12.52 -15.92 1.30
C GLU A 55 12.33 -14.49 1.80
N ARG A 56 11.47 -13.78 1.08
CA ARG A 56 11.10 -12.42 1.42
C ARG A 56 9.68 -12.41 1.97
N LEU A 57 9.49 -11.70 3.09
CA LEU A 57 8.19 -11.65 3.73
C LEU A 57 7.62 -10.23 3.74
N ILE A 58 6.31 -10.13 3.54
CA ILE A 58 5.65 -8.82 3.40
C ILE A 58 4.35 -8.74 4.20
N GLY A 59 4.17 -7.66 4.96
CA GLY A 59 2.95 -7.42 5.73
C GLY A 59 2.90 -8.16 7.06
N ASP A 60 1.76 -8.79 7.35
CA ASP A 60 1.57 -9.43 8.64
C ASP A 60 2.64 -10.47 8.95
N ALA A 61 3.02 -11.26 7.94
CA ALA A 61 4.02 -12.31 8.14
C ALA A 61 5.34 -11.69 8.52
N ALA A 62 5.60 -10.49 8.01
CA ALA A 62 6.86 -9.78 8.29
C ALA A 62 6.86 -9.21 9.69
N LYS A 63 5.75 -8.60 10.11
CA LYS A 63 5.65 -8.04 11.46
C LYS A 63 5.64 -9.13 12.54
N ASN A 64 5.09 -10.30 12.22
CA ASN A 64 4.97 -11.38 13.21
C ASN A 64 6.26 -12.08 13.63
N GLN A 65 7.20 -12.24 12.69
CA GLN A 65 8.49 -12.87 12.98
C GLN A 65 9.61 -11.91 13.43
N VAL A 66 9.26 -10.64 13.65
CA VAL A 66 10.24 -9.63 14.03
C VAL A 66 11.15 -10.07 15.17
N ALA A 67 10.55 -10.53 16.27
CA ALA A 67 11.32 -10.93 17.45
C ALA A 67 12.43 -11.92 17.11
N LEU A 68 12.18 -12.77 16.11
CA LEU A 68 13.13 -13.78 15.66
C LEU A 68 14.27 -13.25 14.77
N ASN A 69 14.03 -12.15 14.08
CA ASN A 69 14.88 -11.69 12.99
C ASN A 69 14.87 -10.17 12.95
N PRO A 70 15.23 -9.53 14.08
CA PRO A 70 15.05 -8.08 14.23
C PRO A 70 15.86 -7.21 13.27
N GLN A 71 17.00 -7.72 12.82
CA GLN A 71 17.92 -6.92 12.00
C GLN A 71 17.62 -6.95 10.50
N ASN A 72 16.86 -7.92 10.03
CA ASN A 72 16.50 -7.97 8.62
C ASN A 72 15.02 -7.80 8.39
N THR A 73 14.35 -7.17 9.37
CA THR A 73 12.93 -6.87 9.29
C THR A 73 12.74 -5.36 9.21
N VAL A 74 12.36 -4.89 8.05
CA VAL A 74 12.37 -3.47 7.78
C VAL A 74 10.99 -2.89 7.93
N PHE A 75 10.93 -1.76 8.62
CA PHE A 75 9.72 -0.98 8.77
C PHE A 75 10.09 0.50 8.73
N ASP A 76 9.10 1.39 8.83
CA ASP A 76 9.30 2.86 8.82
C ASP A 76 10.06 3.41 7.61
N ALA A 77 9.97 2.72 6.48
CA ALA A 77 10.57 3.20 5.23
C ALA A 77 10.02 4.58 4.80
N LYS A 78 8.81 4.90 5.24
CA LYS A 78 8.17 6.17 4.94
C LYS A 78 8.97 7.36 5.47
N ARG A 79 9.57 7.17 6.64
CA ARG A 79 10.38 8.22 7.26
C ARG A 79 11.66 8.54 6.50
N LEU A 80 12.23 7.53 5.85
CA LEU A 80 13.41 7.71 5.00
C LEU A 80 13.04 8.24 3.62
N ILE A 81 11.85 7.90 3.15
CA ILE A 81 11.50 8.15 1.76
C ILE A 81 11.65 9.63 1.40
N GLY A 82 12.39 9.87 0.31
CA GLY A 82 12.56 11.19 -0.26
C GLY A 82 13.56 12.08 0.46
N ARG A 83 14.29 11.51 1.41
CA ARG A 83 15.21 12.32 2.22
C ARG A 83 16.69 12.02 1.94
N LYS A 84 17.56 12.95 2.31
CA LYS A 84 19.01 12.77 2.19
C LYS A 84 19.57 12.09 3.43
N PHE A 85 20.56 11.21 3.23
CA PHE A 85 21.27 10.61 4.35
C PHE A 85 21.73 11.67 5.32
N GLY A 86 22.05 12.86 4.78
CA GLY A 86 22.49 14.01 5.57
C GLY A 86 21.41 14.82 6.27
N ASP A 87 20.14 14.53 5.99
CA ASP A 87 19.02 15.16 6.69
C ASP A 87 19.08 14.79 8.18
N PRO A 88 19.07 15.80 9.07
CA PRO A 88 19.14 15.54 10.52
C PRO A 88 18.06 14.57 11.05
N VAL A 89 16.89 14.58 10.42
CA VAL A 89 15.76 13.70 10.77
C VAL A 89 16.13 12.21 10.64
N VAL A 90 16.82 11.88 9.56
CA VAL A 90 17.25 10.52 9.25
C VAL A 90 18.24 10.05 10.29
N GLN A 91 19.25 10.88 10.56
CA GLN A 91 20.28 10.57 11.54
C GLN A 91 19.68 10.44 12.94
N SER A 92 18.69 11.30 13.23
CA SER A 92 17.95 11.24 14.47
C SER A 92 17.18 9.93 14.57
N ASP A 93 16.60 9.54 13.44
CA ASP A 93 15.81 8.33 13.33
C ASP A 93 16.63 7.04 13.41
N MET A 94 17.86 7.08 12.93
CA MET A 94 18.64 5.86 12.73
C MET A 94 19.01 5.13 14.01
N LYS A 95 18.99 5.86 15.13
CA LYS A 95 19.39 5.34 16.44
C LYS A 95 18.24 4.66 17.19
N HIS A 96 17.04 4.70 16.61
CA HIS A 96 15.89 3.97 17.15
C HIS A 96 15.58 2.68 16.40
N TRP A 97 16.04 2.55 15.15
CA TRP A 97 15.83 1.31 14.39
C TRP A 97 16.91 0.25 14.63
N PRO A 98 16.54 -1.03 14.52
CA PRO A 98 17.54 -2.09 14.72
C PRO A 98 18.14 -2.65 13.42
N PHE A 99 17.65 -2.20 12.26
CA PHE A 99 18.25 -2.58 10.99
C PHE A 99 19.33 -1.56 10.64
N GLN A 100 20.22 -1.92 9.71
CA GLN A 100 21.31 -1.04 9.30
C GLN A 100 20.89 -0.10 8.16
N VAL A 101 21.27 1.16 8.29
CA VAL A 101 21.09 2.13 7.20
C VAL A 101 22.46 2.60 6.74
N ILE A 102 22.66 2.61 5.43
CA ILE A 102 23.95 3.00 4.88
C ILE A 102 23.86 4.23 3.97
N ASN A 103 25.03 4.76 3.64
CA ASN A 103 25.16 5.97 2.85
C ASN A 103 25.56 5.59 1.43
N ASP A 104 24.78 6.06 0.46
CA ASP A 104 25.05 5.78 -0.96
C ASP A 104 24.93 7.05 -1.80
N GLY A 105 25.99 7.86 -1.77
CA GLY A 105 26.03 9.14 -2.47
C GLY A 105 25.03 10.15 -1.92
N ASP A 106 24.93 10.21 -0.59
CA ASP A 106 23.96 11.05 0.14
C ASP A 106 22.49 10.61 -0.05
N LYS A 107 22.31 9.38 -0.55
CA LYS A 107 21.01 8.68 -0.52
C LYS A 107 21.10 7.57 0.53
N PRO A 108 20.07 7.44 1.38
CA PRO A 108 20.06 6.36 2.35
C PRO A 108 19.52 5.06 1.76
N LYS A 109 20.12 3.93 2.14
CA LYS A 109 19.66 2.59 1.76
C LYS A 109 19.63 1.70 3.00
N VAL A 110 18.54 0.96 3.20
CA VAL A 110 18.53 0.00 4.31
C VAL A 110 19.34 -1.24 3.89
N GLN A 111 20.22 -1.70 4.78
CA GLN A 111 21.13 -2.81 4.49
C GLN A 111 20.82 -4.05 5.34
N VAL A 112 20.55 -5.16 4.66
CA VAL A 112 20.08 -6.36 5.33
C VAL A 112 20.84 -7.61 4.93
N SER A 113 20.60 -8.66 5.69
CA SER A 113 21.01 -9.98 5.29
C SER A 113 19.81 -10.62 4.63
N TYR A 114 20.05 -11.31 3.51
CA TYR A 114 18.97 -11.91 2.71
C TYR A 114 19.49 -13.10 1.91
N LYS A 115 19.18 -14.30 2.40
CA LYS A 115 19.78 -15.54 1.89
C LYS A 115 21.32 -15.46 1.94
N GLY A 116 21.88 -15.35 3.15
CA GLY A 116 23.33 -15.44 3.36
C GLY A 116 24.22 -14.47 2.60
N GLU A 117 23.60 -13.53 1.90
CA GLU A 117 24.29 -12.43 1.22
C GLU A 117 23.74 -11.11 1.72
N THR A 118 24.61 -10.10 1.80
CA THR A 118 24.24 -8.75 2.19
C THR A 118 23.80 -7.97 0.96
N LYS A 119 22.65 -7.31 1.06
CA LYS A 119 22.11 -6.48 -0.02
C LYS A 119 21.44 -5.24 0.59
N ALA A 120 21.26 -4.21 -0.22
CA ALA A 120 20.66 -2.96 0.28
C ALA A 120 19.56 -2.41 -0.62
N PHE A 121 18.66 -1.62 -0.03
CA PHE A 121 17.45 -1.17 -0.71
C PHE A 121 17.10 0.27 -0.42
N TYR A 122 16.78 1.02 -1.48
CA TYR A 122 16.33 2.40 -1.32
C TYR A 122 14.99 2.37 -0.62
N PRO A 123 14.64 3.44 0.10
CA PRO A 123 13.32 3.42 0.75
C PRO A 123 12.17 3.27 -0.25
N GLU A 124 12.32 3.81 -1.47
CA GLU A 124 11.30 3.59 -2.50
C GLU A 124 11.13 2.12 -2.88
N GLU A 125 12.21 1.36 -2.78
CA GLU A 125 12.19 -0.08 -3.08
C GLU A 125 11.45 -0.84 -1.98
N ILE A 126 11.78 -0.55 -0.73
CA ILE A 126 11.06 -1.15 0.38
C ILE A 126 9.58 -0.82 0.18
N SER A 127 9.27 0.47 0.07
CA SER A 127 7.89 0.85 -0.12
C SER A 127 7.24 0.13 -1.31
N SER A 128 7.95 -0.02 -2.42
CA SER A 128 7.37 -0.68 -3.61
C SER A 128 7.03 -2.13 -3.34
N MET A 129 7.67 -2.70 -2.32
CA MET A 129 7.37 -4.06 -1.92
C MET A 129 6.05 -4.12 -1.17
N VAL A 130 5.77 -3.07 -0.40
CA VAL A 130 4.50 -2.94 0.31
C VAL A 130 3.39 -2.70 -0.72
N LEU A 131 3.57 -1.70 -1.56
CA LEU A 131 2.65 -1.46 -2.66
C LEU A 131 2.26 -2.71 -3.41
N THR A 132 3.25 -3.41 -3.95
CA THR A 132 3.02 -4.69 -4.60
C THR A 132 2.07 -5.51 -3.79
N LYS A 133 2.33 -5.66 -2.50
CA LYS A 133 1.47 -6.51 -1.69
C LYS A 133 0.03 -6.01 -1.76
N MET A 134 -0.14 -4.70 -1.55
CA MET A 134 -1.46 -4.09 -1.61
C MET A 134 -2.14 -4.39 -2.94
N LYS A 135 -1.41 -4.15 -4.03
CA LYS A 135 -1.86 -4.48 -5.36
C LYS A 135 -2.35 -5.93 -5.41
N GLU A 136 -1.50 -6.86 -4.95
CA GLU A 136 -1.80 -8.29 -4.97
C GLU A 136 -3.07 -8.59 -4.20
N ILE A 137 -3.23 -7.93 -3.05
CA ILE A 137 -4.45 -8.05 -2.24
C ILE A 137 -5.71 -7.71 -3.04
N ALA A 138 -5.69 -6.54 -3.68
CA ALA A 138 -6.72 -6.11 -4.62
C ALA A 138 -6.98 -7.07 -5.79
N GLU A 139 -5.93 -7.61 -6.40
CA GLU A 139 -6.09 -8.49 -7.57
C GLU A 139 -6.75 -9.80 -7.20
N ALA A 140 -6.47 -10.26 -5.98
CA ALA A 140 -7.09 -11.45 -5.42
C ALA A 140 -8.58 -11.21 -5.20
N TYR A 141 -8.91 -10.03 -4.67
CA TYR A 141 -10.30 -9.66 -4.47
C TYR A 141 -10.99 -9.61 -5.83
N LEU A 142 -10.42 -8.83 -6.74
CA LEU A 142 -11.09 -8.53 -8.01
C LEU A 142 -11.13 -9.70 -9.01
N GLY A 143 -10.13 -10.57 -8.98
CA GLY A 143 -10.06 -11.68 -9.95
C GLY A 143 -9.39 -11.31 -11.26
N TYR A 144 -8.69 -10.17 -11.26
CA TYR A 144 -8.00 -9.67 -12.45
C TYR A 144 -6.89 -8.66 -12.13
N PRO A 145 -5.89 -8.55 -13.02
CA PRO A 145 -4.75 -7.65 -12.82
C PRO A 145 -5.13 -6.18 -12.76
N VAL A 146 -4.46 -5.43 -11.90
CA VAL A 146 -4.73 -4.01 -11.67
C VAL A 146 -3.46 -3.26 -12.07
N THR A 147 -3.58 -2.17 -12.82
CA THR A 147 -2.40 -1.36 -13.13
C THR A 147 -2.52 0.09 -12.59
N ASN A 148 -3.76 0.59 -12.49
CA ASN A 148 -4.00 2.01 -12.15
C ASN A 148 -4.29 2.25 -10.66
N ALA A 149 -3.60 3.22 -10.08
CA ALA A 149 -3.79 3.53 -8.67
C ALA A 149 -3.74 5.02 -8.34
N VAL A 150 -4.37 5.36 -7.22
CA VAL A 150 -4.15 6.62 -6.51
C VAL A 150 -3.46 6.28 -5.20
N ILE A 151 -2.39 7.01 -4.89
CA ILE A 151 -1.65 6.83 -3.65
C ILE A 151 -1.67 8.11 -2.83
N THR A 152 -1.72 7.97 -1.52
CA THR A 152 -1.79 9.13 -0.65
C THR A 152 -0.45 9.42 0.05
N VAL A 153 -0.26 10.70 0.39
CA VAL A 153 0.93 11.14 1.13
C VAL A 153 0.50 12.18 2.17
N PRO A 154 1.36 12.43 3.18
CA PRO A 154 1.07 13.52 4.12
C PRO A 154 1.17 14.86 3.44
N ALA A 155 0.38 15.83 3.88
CA ALA A 155 0.34 17.15 3.25
C ALA A 155 1.69 17.91 3.29
N TYR A 156 2.50 17.60 4.30
CA TYR A 156 3.82 18.24 4.48
C TYR A 156 4.93 17.70 3.55
N PHE A 157 4.58 16.73 2.71
CA PHE A 157 5.53 16.10 1.80
C PHE A 157 5.99 17.04 0.70
N ASN A 158 7.30 17.26 0.63
CA ASN A 158 7.86 18.09 -0.44
C ASN A 158 7.87 17.38 -1.81
N ASP A 159 8.32 18.11 -2.84
CA ASP A 159 8.36 17.60 -4.20
C ASP A 159 9.18 16.30 -4.28
N SER A 160 10.23 16.27 -3.47
CA SER A 160 11.18 15.17 -3.42
C SER A 160 10.52 13.88 -2.94
N GLN A 161 9.81 13.98 -1.82
CA GLN A 161 9.13 12.85 -1.21
C GLN A 161 7.92 12.39 -2.03
N ARG A 162 7.27 13.33 -2.73
CA ARG A 162 6.15 13.00 -3.58
C ARG A 162 6.63 12.16 -4.75
N GLN A 163 7.57 12.71 -5.52
CA GLN A 163 8.20 11.99 -6.63
C GLN A 163 8.67 10.59 -6.22
N ALA A 164 9.32 10.51 -5.04
CA ALA A 164 9.83 9.25 -4.51
C ALA A 164 8.71 8.24 -4.23
N THR A 165 7.56 8.75 -3.82
CA THR A 165 6.41 7.91 -3.55
C THR A 165 5.79 7.45 -4.87
N LYS A 166 5.82 8.31 -5.88
CA LYS A 166 5.37 7.90 -7.20
C LYS A 166 6.35 6.84 -7.74
N ASP A 167 7.64 7.05 -7.55
CA ASP A 167 8.62 6.07 -8.04
C ASP A 167 8.35 4.66 -7.51
N ALA A 168 8.09 4.55 -6.21
CA ALA A 168 7.78 3.28 -5.57
C ALA A 168 6.58 2.57 -6.22
N GLY A 169 5.54 3.34 -6.51
CA GLY A 169 4.41 2.84 -7.28
C GLY A 169 4.81 2.28 -8.64
N VAL A 170 5.66 3.02 -9.36
CA VAL A 170 6.09 2.63 -10.69
C VAL A 170 6.89 1.32 -10.66
N ILE A 171 7.72 1.15 -9.64
CA ILE A 171 8.46 -0.09 -9.40
C ILE A 171 7.49 -1.28 -9.22
N ALA A 172 6.46 -1.10 -8.40
CA ALA A 172 5.50 -2.17 -8.13
C ALA A 172 4.54 -2.42 -9.30
N GLY A 173 4.87 -1.82 -10.45
CA GLY A 173 4.07 -1.96 -11.66
C GLY A 173 2.75 -1.21 -11.70
N LEU A 174 2.64 -0.12 -10.95
CA LEU A 174 1.42 0.67 -10.99
C LEU A 174 1.54 1.88 -11.90
N ASN A 175 0.44 2.30 -12.48
CA ASN A 175 0.41 3.59 -13.14
C ASN A 175 -0.18 4.53 -12.14
N VAL A 176 0.63 5.46 -11.66
CA VAL A 176 0.17 6.38 -10.63
C VAL A 176 -0.61 7.54 -11.25
N LEU A 177 -1.94 7.51 -11.08
CA LEU A 177 -2.83 8.53 -11.63
C LEU A 177 -2.68 9.85 -10.90
N ARG A 178 -2.70 9.81 -9.56
CA ARG A 178 -2.50 11.00 -8.74
C ARG A 178 -1.94 10.65 -7.37
N ILE A 179 -1.01 11.48 -6.92
CA ILE A 179 -0.54 11.48 -5.56
C ILE A 179 -1.40 12.55 -4.92
N ILE A 180 -2.15 12.17 -3.89
CA ILE A 180 -3.02 13.11 -3.17
C ILE A 180 -2.80 13.11 -1.66
N ASN A 181 -3.04 14.27 -1.04
CA ASN A 181 -2.90 14.44 0.41
C ASN A 181 -3.83 13.58 1.23
N GLU A 182 -3.29 13.00 2.30
CA GLU A 182 -4.07 12.11 3.15
C GLU A 182 -5.33 12.79 3.70
N PRO A 183 -5.20 14.01 4.26
CA PRO A 183 -6.40 14.71 4.72
C PRO A 183 -7.41 15.01 3.61
N THR A 184 -6.91 15.32 2.43
CA THR A 184 -7.76 15.53 1.27
C THR A 184 -8.55 14.26 0.91
N ALA A 185 -7.87 13.12 0.98
CA ALA A 185 -8.49 11.80 0.78
C ALA A 185 -9.61 11.55 1.79
N ALA A 186 -9.35 11.86 3.06
CA ALA A 186 -10.35 11.77 4.11
C ALA A 186 -11.60 12.59 3.83
N ALA A 187 -11.43 13.82 3.36
CA ALA A 187 -12.59 14.68 3.15
C ALA A 187 -13.42 14.18 1.97
N ILE A 188 -12.74 13.74 0.92
CA ILE A 188 -13.39 13.16 -0.25
C ILE A 188 -14.27 11.97 0.17
N ALA A 189 -13.74 11.14 1.06
CA ALA A 189 -14.47 10.05 1.65
C ALA A 189 -15.76 10.54 2.31
N TYR A 190 -15.68 11.59 3.12
CA TYR A 190 -16.89 12.12 3.76
C TYR A 190 -17.74 13.00 2.84
N GLY A 191 -17.42 13.00 1.54
CA GLY A 191 -18.16 13.74 0.51
C GLY A 191 -18.27 15.21 0.84
N LEU A 192 -17.18 15.75 1.39
CA LEU A 192 -17.18 17.13 1.85
C LEU A 192 -16.92 18.09 0.70
N ASP A 193 -16.73 17.52 -0.48
CA ASP A 193 -16.50 18.25 -1.72
C ASP A 193 -17.76 18.42 -2.58
N ARG A 194 -18.71 17.48 -2.44
CA ARG A 194 -19.86 17.38 -3.34
C ARG A 194 -21.20 17.69 -2.66
N THR A 195 -21.19 17.73 -1.33
CA THR A 195 -22.38 18.07 -0.56
C THR A 195 -22.52 19.58 -0.50
N GLY A 196 -21.38 20.26 -0.38
CA GLY A 196 -21.36 21.70 -0.14
C GLY A 196 -21.56 22.57 -1.37
N LYS A 197 -22.36 23.63 -1.18
CA LYS A 197 -22.61 24.63 -2.20
C LYS A 197 -22.17 26.02 -1.69
N GLY A 198 -21.30 25.99 -0.68
CA GLY A 198 -20.76 27.20 -0.07
C GLY A 198 -19.42 26.94 0.56
N GLU A 199 -18.87 27.97 1.20
CA GLU A 199 -17.57 27.88 1.89
C GLU A 199 -17.69 27.08 3.17
N ARG A 200 -16.86 26.06 3.32
CA ARG A 200 -16.77 25.34 4.59
C ARG A 200 -15.32 25.04 4.93
N ASN A 201 -15.00 25.20 6.21
CA ASN A 201 -13.66 24.92 6.73
C ASN A 201 -13.63 23.61 7.51
N VAL A 202 -12.55 22.85 7.33
CA VAL A 202 -12.50 21.44 7.74
C VAL A 202 -11.19 21.12 8.45
N LEU A 203 -11.28 20.38 9.56
CA LEU A 203 -10.10 19.97 10.33
C LEU A 203 -9.96 18.46 10.39
N ILE A 204 -8.80 17.96 9.97
CA ILE A 204 -8.53 16.52 10.00
C ILE A 204 -7.55 16.19 11.11
N PHE A 205 -8.09 15.53 12.13
CA PHE A 205 -7.36 15.05 13.29
C PHE A 205 -6.91 13.62 13.02
N ASP A 206 -5.66 13.48 12.60
CA ASP A 206 -5.12 12.18 12.20
C ASP A 206 -4.13 11.62 13.22
N LEU A 207 -4.59 10.69 14.05
CA LEU A 207 -3.72 9.99 14.99
C LEU A 207 -3.49 8.54 14.54
N GLY A 208 -2.30 8.29 13.98
CA GLY A 208 -2.01 6.98 13.39
C GLY A 208 -1.23 6.07 14.31
N GLY A 209 -0.30 5.33 13.73
CA GLY A 209 0.56 4.41 14.48
C GLY A 209 1.88 5.04 14.88
N GLY A 210 2.45 5.84 13.97
CA GLY A 210 3.72 6.51 14.25
C GLY A 210 3.60 8.03 14.40
N THR A 211 2.57 8.62 13.80
CA THR A 211 2.48 10.07 13.66
C THR A 211 1.12 10.65 14.04
N PHE A 212 1.14 11.96 14.29
CA PHE A 212 -0.06 12.71 14.56
C PHE A 212 -0.10 13.90 13.62
N ASP A 213 -1.18 14.01 12.87
CA ASP A 213 -1.33 15.06 11.87
C ASP A 213 -2.62 15.85 12.09
N VAL A 214 -2.49 17.16 12.23
CA VAL A 214 -3.64 18.06 12.25
C VAL A 214 -3.53 18.89 10.98
N SER A 215 -4.64 18.95 10.24
CA SER A 215 -4.74 19.74 9.03
C SER A 215 -6.05 20.50 9.01
N ILE A 216 -6.01 21.76 8.62
CA ILE A 216 -7.21 22.51 8.33
C ILE A 216 -7.24 22.86 6.85
N LEU A 217 -8.36 22.48 6.22
CA LEU A 217 -8.54 22.59 4.78
C LEU A 217 -9.75 23.44 4.52
N THR A 218 -9.68 24.24 3.46
CA THR A 218 -10.81 24.99 2.99
C THR A 218 -11.23 24.42 1.64
N ILE A 219 -12.55 24.27 1.47
CA ILE A 219 -13.12 23.70 0.26
C ILE A 219 -14.29 24.54 -0.23
N ASP A 220 -14.07 25.28 -1.31
CA ASP A 220 -15.12 25.99 -2.02
C ASP A 220 -15.09 25.48 -3.44
N ASP A 221 -16.23 25.57 -4.12
CA ASP A 221 -16.36 25.23 -5.53
C ASP A 221 -15.86 23.82 -5.85
N GLY A 222 -15.64 23.01 -4.82
CA GLY A 222 -15.14 21.64 -4.96
C GLY A 222 -13.63 21.54 -5.11
N ILE A 223 -12.91 22.53 -4.60
CA ILE A 223 -11.45 22.56 -4.66
C ILE A 223 -10.85 22.64 -3.27
N PHE A 224 -9.96 21.70 -2.98
CA PHE A 224 -9.31 21.62 -1.69
C PHE A 224 -8.11 22.53 -1.64
N GLU A 225 -7.98 23.24 -0.52
CA GLU A 225 -6.80 24.05 -0.25
C GLU A 225 -6.38 23.78 1.18
N VAL A 226 -5.10 23.47 1.37
CA VAL A 226 -4.52 23.25 2.70
C VAL A 226 -4.22 24.60 3.35
N LYS A 227 -4.77 24.85 4.52
CA LYS A 227 -4.51 26.10 5.21
C LYS A 227 -3.37 25.97 6.22
N ALA A 228 -3.40 24.93 7.05
CA ALA A 228 -2.34 24.74 8.03
C ALA A 228 -2.07 23.28 8.26
N THR A 229 -0.83 22.98 8.67
CA THR A 229 -0.43 21.63 9.10
C THR A 229 0.38 21.68 10.39
N ALA A 230 0.25 20.64 11.21
CA ALA A 230 1.03 20.51 12.44
C ALA A 230 0.96 19.10 12.98
N GLY A 231 1.37 18.92 14.23
CA GLY A 231 1.37 17.60 14.84
C GLY A 231 2.76 17.17 15.25
N ASP A 232 2.91 15.89 15.54
CA ASP A 232 4.20 15.34 15.95
C ASP A 232 4.48 14.09 15.14
N THR A 233 5.56 14.15 14.36
CA THR A 233 6.01 13.04 13.54
C THR A 233 6.53 11.86 14.38
N HIS A 234 6.55 12.02 15.71
CA HIS A 234 6.90 10.90 16.59
C HIS A 234 5.90 10.67 17.70
N LEU A 235 4.64 10.92 17.42
CA LEU A 235 3.58 10.61 18.37
C LEU A 235 2.58 9.68 17.73
N GLY A 236 2.56 8.44 18.19
CA GLY A 236 1.62 7.47 17.68
C GLY A 236 1.25 6.37 18.62
N GLY A 237 0.40 5.47 18.11
CA GLY A 237 -0.07 4.31 18.83
C GLY A 237 1.05 3.42 19.30
N GLU A 238 2.14 3.43 18.56
CA GLU A 238 3.28 2.60 18.93
C GLU A 238 3.94 3.07 20.23
N ASP A 239 3.72 4.34 20.58
CA ASP A 239 4.27 4.90 21.81
C ASP A 239 3.45 4.50 23.01
N PHE A 240 2.14 4.38 22.79
CA PHE A 240 1.26 3.93 23.84
C PHE A 240 1.59 2.49 24.18
N ASP A 241 1.97 1.72 23.18
CA ASP A 241 2.37 0.34 23.41
C ASP A 241 3.60 0.34 24.29
N ASN A 242 4.53 1.25 24.03
CA ASN A 242 5.69 1.41 24.91
C ASN A 242 5.29 1.51 26.38
N ARG A 243 4.32 2.39 26.67
CA ARG A 243 3.82 2.62 28.02
C ARG A 243 3.32 1.35 28.67
N LEU A 244 2.43 0.66 27.96
CA LEU A 244 1.86 -0.58 28.46
C LEU A 244 2.96 -1.58 28.73
N VAL A 245 3.86 -1.76 27.76
CA VAL A 245 5.02 -2.64 27.89
C VAL A 245 5.87 -2.25 29.12
N ASN A 246 6.22 -0.97 29.22
CA ASN A 246 7.01 -0.48 30.34
C ASN A 246 6.29 -0.76 31.67
N HIS A 247 4.98 -0.53 31.66
CA HIS A 247 4.19 -0.73 32.85
C HIS A 247 4.19 -2.20 33.29
N PHE A 248 4.06 -3.11 32.32
CA PHE A 248 3.97 -4.52 32.66
C PHE A 248 5.29 -5.18 33.04
N VAL A 249 6.39 -4.75 32.42
CA VAL A 249 7.72 -5.24 32.80
C VAL A 249 7.96 -4.95 34.28
N GLU A 250 7.57 -3.75 34.68
CA GLU A 250 7.78 -3.28 36.03
C GLU A 250 6.89 -4.06 37.01
N GLU A 251 5.65 -4.34 36.59
CA GLU A 251 4.75 -5.16 37.39
C GLU A 251 5.26 -6.60 37.52
N PHE A 252 5.81 -7.14 36.42
CA PHE A 252 6.43 -8.46 36.42
C PHE A 252 7.59 -8.56 37.42
N LYS A 253 8.39 -7.51 37.53
CA LYS A 253 9.45 -7.44 38.53
C LYS A 253 8.83 -7.47 39.92
N ARG A 254 7.79 -6.68 40.10
CA ARG A 254 7.12 -6.53 41.39
C ARG A 254 6.47 -7.85 41.85
N LYS A 255 5.61 -8.42 41.02
CA LYS A 255 4.86 -9.63 41.37
C LYS A 255 5.69 -10.92 41.34
N HIS A 256 6.57 -11.03 40.36
CA HIS A 256 7.30 -12.28 40.11
C HIS A 256 8.81 -12.25 40.34
N LYS A 257 9.32 -11.12 40.84
CA LYS A 257 10.73 -10.99 41.26
C LYS A 257 11.74 -11.44 40.18
N LYS A 258 11.55 -10.93 38.96
CA LYS A 258 12.48 -11.19 37.84
C LYS A 258 12.46 -10.07 36.79
N ASP A 259 13.63 -9.79 36.20
CA ASP A 259 13.76 -8.83 35.11
C ASP A 259 13.58 -9.55 33.75
N ILE A 260 12.91 -8.92 32.79
CA ILE A 260 12.69 -9.56 31.47
C ILE A 260 13.20 -8.72 30.27
N SER A 261 13.64 -7.50 30.54
CA SER A 261 14.16 -6.61 29.53
C SER A 261 15.10 -7.23 28.50
N GLN A 262 15.91 -8.19 28.92
CA GLN A 262 17.00 -8.71 28.06
C GLN A 262 16.63 -9.84 27.08
N ASN A 263 15.56 -10.58 27.37
CA ASN A 263 15.01 -11.52 26.40
C ASN A 263 14.11 -10.74 25.45
N LYS A 264 14.56 -10.61 24.22
CA LYS A 264 13.85 -9.88 23.17
C LYS A 264 12.50 -10.55 22.81
N ARG A 265 12.52 -11.88 22.76
CA ARG A 265 11.36 -12.68 22.41
C ARG A 265 10.22 -12.58 23.44
N ALA A 266 10.58 -12.50 24.73
CA ALA A 266 9.60 -12.30 25.81
C ALA A 266 9.01 -10.88 25.76
N VAL A 267 9.86 -9.90 25.44
CA VAL A 267 9.42 -8.51 25.27
C VAL A 267 8.37 -8.36 24.17
N ARG A 268 8.64 -8.91 22.99
CA ARG A 268 7.70 -8.83 21.87
C ARG A 268 6.38 -9.48 22.24
N ARG A 269 6.47 -10.68 22.79
CA ARG A 269 5.29 -11.42 23.22
C ARG A 269 4.45 -10.54 24.15
N LEU A 270 5.13 -9.81 25.02
CA LEU A 270 4.43 -8.85 25.84
C LEU A 270 3.90 -7.71 24.99
N ARG A 271 4.75 -7.13 24.13
CA ARG A 271 4.31 -6.01 23.30
C ARG A 271 3.09 -6.33 22.44
N THR A 272 3.09 -7.50 21.79
CA THR A 272 1.95 -7.88 20.93
C THR A 272 0.70 -8.15 21.76
N ALA A 273 0.86 -8.81 22.91
CA ALA A 273 -0.25 -8.93 23.85
C ALA A 273 -0.83 -7.54 24.19
N CYS A 274 0.05 -6.55 24.38
CA CYS A 274 -0.34 -5.18 24.69
C CYS A 274 -1.04 -4.47 23.54
N GLU A 275 -0.63 -4.78 22.31
CA GLU A 275 -1.26 -4.22 21.15
C GLU A 275 -2.73 -4.62 21.12
N ARG A 276 -3.00 -5.90 21.38
CA ARG A 276 -4.36 -6.42 21.35
C ARG A 276 -5.16 -5.79 22.48
N ALA A 277 -4.54 -5.72 23.64
CA ALA A 277 -5.19 -5.26 24.84
C ALA A 277 -5.65 -3.84 24.66
N LYS A 278 -4.78 -3.01 24.10
CA LYS A 278 -5.11 -1.62 23.82
C LYS A 278 -6.32 -1.53 22.89
N ARG A 279 -6.40 -2.44 21.92
CA ARG A 279 -7.55 -2.40 21.04
C ARG A 279 -8.86 -2.74 21.77
N THR A 280 -8.81 -3.77 22.60
CA THR A 280 -9.99 -4.15 23.39
C THR A 280 -10.42 -3.00 24.30
N LEU A 281 -9.45 -2.26 24.82
CA LEU A 281 -9.76 -1.14 25.73
C LEU A 281 -10.49 0.02 25.05
N SER A 282 -10.56 0.01 23.72
CA SER A 282 -11.44 0.90 22.98
C SER A 282 -12.93 0.56 23.07
N SER A 283 -13.27 -0.72 23.03
CA SER A 283 -14.67 -1.10 23.19
C SER A 283 -14.99 -1.81 24.53
N SER A 284 -14.00 -1.96 25.41
CA SER A 284 -14.24 -2.45 26.77
C SER A 284 -13.52 -1.62 27.82
N THR A 285 -14.14 -1.52 29.00
CA THR A 285 -13.56 -0.82 30.15
C THR A 285 -12.39 -1.59 30.77
N GLN A 286 -12.35 -2.91 30.55
CA GLN A 286 -11.29 -3.78 31.07
C GLN A 286 -10.77 -4.77 30.01
N ALA A 287 -9.51 -5.20 30.17
CA ALA A 287 -8.86 -6.12 29.24
C ALA A 287 -7.97 -7.14 29.97
N SER A 288 -8.21 -8.42 29.74
CA SER A 288 -7.39 -9.50 30.33
C SER A 288 -6.13 -9.80 29.50
N LEU A 289 -5.10 -10.34 30.13
CA LEU A 289 -3.81 -10.50 29.43
C LEU A 289 -3.08 -11.76 29.88
N GLU A 290 -3.20 -12.82 29.08
CA GLU A 290 -2.61 -14.13 29.37
C GLU A 290 -1.48 -14.50 28.38
N ILE A 291 -0.30 -14.80 28.90
CA ILE A 291 0.78 -15.40 28.08
C ILE A 291 1.33 -16.68 28.73
N ASP A 292 1.26 -17.78 27.98
CA ASP A 292 1.81 -19.09 28.37
C ASP A 292 3.35 -18.99 28.35
N SER A 293 3.99 -19.26 29.49
CA SER A 293 5.47 -19.29 29.63
C SER A 293 6.24 -18.06 29.13
N LEU A 294 6.14 -16.96 29.88
CA LEU A 294 6.80 -15.71 29.47
C LEU A 294 8.32 -15.69 29.67
N PHE A 295 8.80 -16.18 30.80
CA PHE A 295 10.23 -16.07 31.14
C PHE A 295 10.64 -17.18 32.07
N GLU A 296 11.57 -18.00 31.60
CA GLU A 296 12.12 -19.09 32.40
C GLU A 296 11.01 -19.99 32.96
N GLY A 297 9.92 -20.11 32.19
CA GLY A 297 8.81 -20.98 32.55
C GLY A 297 7.67 -20.38 33.38
N ILE A 298 7.67 -19.06 33.55
CA ILE A 298 6.66 -18.38 34.36
C ILE A 298 5.51 -17.75 33.54
N ASP A 299 4.28 -18.19 33.84
CA ASP A 299 3.07 -17.68 33.16
C ASP A 299 2.72 -16.27 33.66
N PHE A 300 2.24 -15.43 32.75
CA PHE A 300 1.78 -14.11 33.13
C PHE A 300 0.30 -13.92 32.87
N TYR A 301 -0.47 -13.97 33.94
CA TYR A 301 -1.88 -13.71 33.84
C TYR A 301 -2.17 -12.42 34.63
N THR A 302 -2.73 -11.42 33.94
CA THR A 302 -3.01 -10.12 34.55
C THR A 302 -4.07 -9.34 33.75
N SER A 303 -4.58 -8.26 34.32
CA SER A 303 -5.55 -7.43 33.62
C SER A 303 -5.16 -5.94 33.68
N ILE A 304 -5.93 -5.10 33.00
CA ILE A 304 -5.73 -3.66 33.02
C ILE A 304 -7.06 -2.96 32.72
N THR A 305 -7.21 -1.73 33.20
CA THR A 305 -8.46 -1.01 33.01
C THR A 305 -8.26 0.09 31.97
N ARG A 306 -9.36 0.59 31.41
CA ARG A 306 -9.28 1.73 30.47
C ARG A 306 -8.66 2.93 31.21
N ALA A 307 -9.25 3.24 32.37
CA ALA A 307 -8.78 4.31 33.25
C ALA A 307 -7.27 4.26 33.44
N ARG A 308 -6.74 3.08 33.75
CA ARG A 308 -5.31 2.93 33.98
C ARG A 308 -4.46 3.19 32.71
N PHE A 309 -4.85 2.56 31.61
CA PHE A 309 -4.21 2.82 30.32
C PHE A 309 -4.16 4.33 30.02
N GLU A 310 -5.30 5.02 30.21
CA GLU A 310 -5.38 6.46 30.00
C GLU A 310 -4.30 7.20 30.80
N GLU A 311 -4.21 6.88 32.08
CA GLU A 311 -3.24 7.50 32.98
C GLU A 311 -1.78 7.26 32.59
N LEU A 312 -1.46 6.05 32.09
CA LEU A 312 -0.10 5.76 31.64
C LEU A 312 0.31 6.61 30.44
N CYS A 313 -0.64 6.86 29.55
CA CYS A 313 -0.41 7.68 28.38
C CYS A 313 -0.78 9.17 28.59
N SER A 314 -1.02 9.52 29.85
CA SER A 314 -1.47 10.86 30.27
C SER A 314 -0.88 12.00 29.45
N ASP A 315 0.44 12.14 29.49
CA ASP A 315 1.10 13.22 28.77
C ASP A 315 0.81 13.12 27.30
N LEU A 316 0.99 11.93 26.74
CA LEU A 316 0.82 11.74 25.31
C LEU A 316 -0.54 12.20 24.82
N PHE A 317 -1.62 11.71 25.44
CA PHE A 317 -2.97 12.03 24.94
C PHE A 317 -3.28 13.51 24.96
N ARG A 318 -2.87 14.17 26.03
CA ARG A 318 -3.18 15.57 26.24
C ARG A 318 -2.47 16.41 25.19
N SER A 319 -1.30 15.92 24.75
CA SER A 319 -0.43 16.67 23.84
C SER A 319 -0.95 16.81 22.40
N THR A 320 -2.12 16.23 22.11
CA THR A 320 -2.68 16.37 20.77
C THR A 320 -3.56 17.61 20.59
N LEU A 321 -3.70 18.41 21.63
CA LEU A 321 -4.49 19.64 21.54
C LEU A 321 -3.62 20.84 21.17
N GLU A 322 -2.35 20.81 21.58
CA GLU A 322 -1.40 21.86 21.19
C GLU A 322 -1.28 21.98 19.66
N PRO A 323 -1.07 20.86 18.93
CA PRO A 323 -1.04 21.00 17.48
C PRO A 323 -2.36 21.49 16.91
N VAL A 324 -3.47 21.19 17.55
CA VAL A 324 -4.75 21.75 17.11
C VAL A 324 -4.72 23.27 17.29
N GLU A 325 -4.32 23.70 18.50
CA GLU A 325 -4.23 25.11 18.80
C GLU A 325 -3.40 25.85 17.75
N LYS A 326 -2.25 25.28 17.41
CA LYS A 326 -1.30 25.89 16.49
C LYS A 326 -1.80 25.94 15.05
N ALA A 327 -2.72 25.04 14.71
CA ALA A 327 -3.19 24.90 13.32
C ALA A 327 -4.19 25.99 12.98
N LEU A 328 -5.10 26.24 13.91
CA LEU A 328 -6.05 27.33 13.81
C LEU A 328 -5.30 28.65 13.73
N ARG A 329 -4.22 28.71 14.51
CA ARG A 329 -3.39 29.91 14.65
C ARG A 329 -2.68 30.25 13.33
N ASP A 330 -2.29 29.22 12.57
CA ASP A 330 -1.70 29.39 11.25
C ASP A 330 -2.75 29.72 10.17
N ALA A 331 -3.97 29.22 10.34
CA ALA A 331 -5.06 29.52 9.41
C ALA A 331 -5.71 30.88 9.64
N LYS A 332 -5.45 31.48 10.80
CA LYS A 332 -6.11 32.71 11.27
C LYS A 332 -7.60 32.46 11.56
N LEU A 333 -7.87 31.35 12.23
CA LEU A 333 -9.24 30.92 12.53
C LEU A 333 -9.46 30.64 14.00
N ASP A 334 -10.68 30.90 14.46
CA ASP A 334 -11.11 30.52 15.80
C ASP A 334 -11.77 29.15 15.74
N LYS A 335 -11.80 28.46 16.88
CA LYS A 335 -12.40 27.13 17.00
C LYS A 335 -13.83 27.10 16.44
N ALA A 336 -14.59 28.16 16.71
CA ALA A 336 -15.98 28.27 16.29
C ALA A 336 -16.14 28.26 14.77
N GLN A 337 -15.07 28.62 14.07
CA GLN A 337 -15.10 28.89 12.63
C GLN A 337 -14.96 27.66 11.73
N ILE A 338 -14.62 26.51 12.32
CA ILE A 338 -14.52 25.24 11.60
C ILE A 338 -15.89 24.57 11.51
N HIS A 339 -16.37 24.30 10.29
CA HIS A 339 -17.66 23.64 10.14
C HIS A 339 -17.61 22.12 10.35
N ASP A 340 -16.52 21.49 9.94
CA ASP A 340 -16.44 20.02 9.93
C ASP A 340 -15.22 19.44 10.64
N LEU A 341 -15.48 18.50 11.55
CA LEU A 341 -14.41 17.86 12.27
C LEU A 341 -14.35 16.41 11.83
N VAL A 342 -13.15 15.92 11.50
CA VAL A 342 -13.03 14.59 10.96
C VAL A 342 -11.97 13.77 11.67
N LEU A 343 -12.40 12.64 12.22
CA LEU A 343 -11.50 11.68 12.81
C LEU A 343 -10.97 10.67 11.80
N VAL A 344 -9.65 10.66 11.63
CA VAL A 344 -8.99 9.58 10.92
C VAL A 344 -7.79 9.10 11.73
N GLY A 345 -7.23 7.96 11.33
CA GLY A 345 -6.13 7.31 12.04
C GLY A 345 -6.70 6.31 13.03
N GLY A 346 -6.03 5.17 13.20
CA GLY A 346 -6.55 4.09 14.02
C GLY A 346 -6.58 4.35 15.51
N SER A 347 -5.73 5.26 15.96
CA SER A 347 -5.66 5.57 17.37
C SER A 347 -6.81 6.48 17.79
N THR A 348 -7.56 7.03 16.83
CA THR A 348 -8.68 7.91 17.21
C THR A 348 -9.87 7.08 17.60
N ARG A 349 -9.64 5.77 17.67
CA ARG A 349 -10.62 4.82 18.19
C ARG A 349 -10.65 4.87 19.71
N ILE A 350 -9.71 5.60 20.30
CA ILE A 350 -9.55 5.60 21.75
C ILE A 350 -10.48 6.64 22.35
N PRO A 351 -11.46 6.18 23.14
CA PRO A 351 -12.49 7.04 23.72
C PRO A 351 -11.94 8.30 24.38
N LYS A 352 -10.79 8.20 25.04
CA LYS A 352 -10.17 9.36 25.71
C LYS A 352 -9.74 10.42 24.72
N VAL A 353 -9.06 9.97 23.66
CA VAL A 353 -8.60 10.82 22.58
C VAL A 353 -9.79 11.46 21.87
N GLN A 354 -10.88 10.71 21.76
CA GLN A 354 -12.13 11.26 21.24
C GLN A 354 -12.69 12.34 22.16
N LYS A 355 -12.69 12.07 23.47
CA LYS A 355 -13.34 12.93 24.44
C LYS A 355 -12.61 14.25 24.56
N LEU A 356 -11.28 14.17 24.59
CA LEU A 356 -10.43 15.34 24.66
C LEU A 356 -10.70 16.31 23.51
N LEU A 357 -10.84 15.77 22.30
CA LEU A 357 -11.06 16.60 21.13
C LEU A 357 -12.41 17.27 21.14
N GLN A 358 -13.45 16.48 21.43
CA GLN A 358 -14.81 16.97 21.50
C GLN A 358 -14.94 18.08 22.56
N ASP A 359 -14.21 17.91 23.66
CA ASP A 359 -14.14 18.89 24.73
C ASP A 359 -13.52 20.22 24.31
N PHE A 360 -12.60 20.16 23.35
CA PHE A 360 -11.99 21.36 22.78
C PHE A 360 -12.99 22.07 21.87
N PHE A 361 -13.88 21.30 21.23
CA PHE A 361 -14.91 21.87 20.35
C PHE A 361 -16.30 21.93 21.00
N ASN A 362 -16.28 21.92 22.34
CA ASN A 362 -17.47 22.09 23.18
C ASN A 362 -18.62 21.12 22.86
N GLY A 363 -18.31 19.82 22.93
CA GLY A 363 -19.29 18.76 22.74
C GLY A 363 -19.91 18.66 21.35
N ARG A 364 -19.23 19.21 20.35
CA ARG A 364 -19.71 19.15 18.96
C ARG A 364 -19.43 17.79 18.31
N ASP A 365 -20.24 17.44 17.31
CA ASP A 365 -20.21 16.13 16.66
C ASP A 365 -18.99 15.94 15.76
N LEU A 366 -18.38 14.76 15.88
CA LEU A 366 -17.24 14.39 15.07
C LEU A 366 -17.71 13.50 13.93
N ASN A 367 -17.11 13.66 12.76
CA ASN A 367 -17.36 12.74 11.65
C ASN A 367 -16.52 11.48 11.80
N LYS A 368 -17.17 10.39 12.17
CA LYS A 368 -16.48 9.12 12.41
C LYS A 368 -17.21 7.89 11.89
N SER A 369 -18.35 8.09 11.23
CA SER A 369 -19.09 6.98 10.60
C SER A 369 -18.22 6.13 9.68
N ILE A 370 -17.26 6.75 9.00
CA ILE A 370 -16.33 5.98 8.18
C ILE A 370 -15.14 5.52 9.02
N ASN A 371 -14.86 4.22 8.99
CA ASN A 371 -13.78 3.63 9.78
C ASN A 371 -12.50 4.44 9.75
N PRO A 372 -12.12 5.02 10.90
CA PRO A 372 -11.03 5.98 10.95
C PRO A 372 -9.71 5.50 10.33
N ASP A 373 -9.44 4.19 10.36
CA ASP A 373 -8.23 3.67 9.71
C ASP A 373 -8.43 3.30 8.24
N GLU A 374 -9.64 3.52 7.74
CA GLU A 374 -9.96 3.15 6.38
C GLU A 374 -10.34 4.35 5.55
N ALA A 375 -10.42 5.52 6.18
CA ALA A 375 -10.94 6.70 5.51
C ALA A 375 -10.04 7.21 4.40
N VAL A 376 -8.73 7.23 4.67
CA VAL A 376 -7.78 7.70 3.67
C VAL A 376 -7.84 6.86 2.41
N ALA A 377 -7.66 5.55 2.54
CA ALA A 377 -7.81 4.63 1.42
C ALA A 377 -9.17 4.78 0.77
N TYR A 378 -10.21 5.00 1.57
CA TYR A 378 -11.57 5.15 1.07
C TYR A 378 -11.59 6.34 0.10
N GLY A 379 -11.17 7.50 0.59
CA GLY A 379 -11.11 8.69 -0.27
C GLY A 379 -10.31 8.42 -1.53
N ALA A 380 -9.17 7.73 -1.38
CA ALA A 380 -8.30 7.48 -2.51
C ALA A 380 -9.01 6.64 -3.58
N ALA A 381 -9.87 5.75 -3.15
CA ALA A 381 -10.55 4.88 -4.08
C ALA A 381 -11.60 5.67 -4.85
N VAL A 382 -12.28 6.58 -4.14
CA VAL A 382 -13.32 7.39 -4.80
C VAL A 382 -12.69 8.24 -5.90
N GLN A 383 -11.57 8.89 -5.60
CA GLN A 383 -10.90 9.75 -6.58
C GLN A 383 -10.29 8.93 -7.75
N ALA A 384 -9.84 7.71 -7.45
CA ALA A 384 -9.42 6.79 -8.51
C ALA A 384 -10.59 6.48 -9.47
N ALA A 385 -11.77 6.27 -8.90
CA ALA A 385 -12.96 5.99 -9.70
C ALA A 385 -13.35 7.17 -10.60
N ILE A 386 -13.19 8.39 -10.10
CA ILE A 386 -13.52 9.59 -10.88
C ILE A 386 -12.58 9.77 -12.09
N LEU A 387 -11.28 9.59 -11.85
CA LEU A 387 -10.27 9.78 -12.90
C LEU A 387 -10.48 8.78 -14.04
N MET A 388 -10.60 7.49 -13.70
CA MET A 388 -11.00 6.47 -14.67
C MET A 388 -12.34 6.78 -15.33
N GLY A 389 -13.30 7.22 -14.51
CA GLY A 389 -14.66 7.50 -14.97
C GLY A 389 -14.72 8.56 -16.04
N LEU A 390 -13.64 9.34 -16.15
CA LEU A 390 -13.59 10.48 -17.08
C LEU A 390 -13.75 10.12 -18.56
N GLU A 391 -13.44 8.86 -18.90
CA GLU A 391 -13.61 8.41 -20.30
C GLU A 391 -15.06 8.10 -20.68
N SER A 392 -15.98 8.24 -19.73
CA SER A 392 -17.41 8.27 -20.05
C SER A 392 -17.78 9.41 -21.01
N ASP A 393 -17.19 10.60 -20.83
CA ASP A 393 -17.60 11.80 -21.59
C ASP A 393 -17.18 11.79 -23.06
N LEU A 394 -16.29 10.86 -23.41
CA LEU A 394 -15.69 10.81 -24.75
C LEU A 394 -16.32 9.75 -25.64
N GLU A 395 -16.47 10.09 -26.92
CA GLU A 395 -16.84 9.10 -27.92
C GLU A 395 -15.60 8.26 -28.24
N ILE A 396 -15.48 7.12 -27.55
CA ILE A 396 -14.40 6.17 -27.84
C ILE A 396 -15.02 4.97 -28.57
N ASP A 397 -14.52 4.69 -29.77
CA ASP A 397 -14.93 3.52 -30.54
C ASP A 397 -14.36 2.25 -29.92
N ASN A 398 -15.25 1.32 -29.53
CA ASN A 398 -14.86 0.09 -28.80
C ASN A 398 -14.74 -1.21 -29.65
N GLU A 399 -14.44 -1.08 -30.93
CA GLU A 399 -14.23 -2.23 -31.80
C GLU A 399 -13.02 -3.05 -31.40
N GLY A 400 -13.12 -4.37 -31.52
CA GLY A 400 -11.98 -5.26 -31.24
C GLY A 400 -11.83 -5.61 -29.77
N VAL A 401 -12.65 -4.99 -28.92
CA VAL A 401 -12.60 -5.25 -27.49
C VAL A 401 -13.46 -6.45 -27.17
N ILE A 402 -12.95 -7.33 -26.32
CA ILE A 402 -13.65 -8.58 -26.00
C ILE A 402 -13.96 -8.67 -24.50
N GLU A 403 -14.71 -9.69 -24.13
CA GLU A 403 -15.15 -9.84 -22.75
C GLU A 403 -14.00 -10.36 -21.92
N ALA A 404 -13.78 -9.73 -20.78
CA ALA A 404 -12.78 -10.13 -19.80
C ALA A 404 -12.92 -11.60 -19.41
N ASP A 405 -11.79 -12.31 -19.43
CA ASP A 405 -11.74 -13.71 -19.03
C ASP A 405 -11.67 -13.75 -17.51
N THR A 406 -12.36 -14.72 -16.89
CA THR A 406 -12.59 -14.74 -15.44
C THR A 406 -12.16 -16.04 -14.79
N ASP A 407 -11.62 -16.95 -15.58
CA ASP A 407 -11.08 -18.19 -15.03
C ASP A 407 -10.15 -17.86 -13.85
N ALA A 408 -9.93 -18.85 -12.98
CA ALA A 408 -9.01 -18.72 -11.85
C ALA A 408 -7.56 -18.54 -12.35
N PRO A 409 -6.74 -17.78 -11.59
CA PRO A 409 -5.34 -17.56 -11.92
C PRO A 409 -4.59 -18.83 -12.19
N GLN A 410 -3.91 -18.90 -13.33
CA GLN A 410 -3.11 -20.07 -13.70
C GLN A 410 -1.97 -20.28 -12.70
N GLU A 411 -1.33 -21.45 -12.75
CA GLU A 411 -0.21 -21.73 -11.85
C GLU A 411 1.03 -20.96 -12.31
N MET A 412 1.62 -20.25 -11.37
CA MET A 412 2.80 -19.46 -11.60
C MET A 412 4.03 -20.25 -11.16
N GLY A 413 5.12 -19.57 -10.83
CA GLY A 413 6.30 -20.26 -10.34
C GLY A 413 6.30 -20.39 -8.82
N ASP A 414 7.48 -20.68 -8.27
CA ASP A 414 7.79 -20.34 -6.90
C ASP A 414 9.18 -19.74 -6.96
N GLU A 415 9.26 -18.43 -6.74
CA GLU A 415 10.51 -17.68 -6.90
C GLU A 415 11.66 -18.28 -6.09
N ASN A 416 11.37 -18.64 -4.86
CA ASN A 416 12.37 -19.04 -3.87
C ASN A 416 12.62 -20.55 -3.75
N ALA A 417 11.87 -21.37 -4.51
CA ALA A 417 12.06 -22.82 -4.50
C ALA A 417 13.33 -23.23 -5.25
N GLU A 418 13.98 -24.30 -4.80
CA GLU A 418 15.30 -24.70 -5.31
C GLU A 418 15.25 -25.34 -6.70
N ILE A 419 15.88 -24.66 -7.68
CA ILE A 419 16.00 -25.18 -9.04
C ILE A 419 17.28 -26.02 -9.21
N THR A 420 17.10 -27.33 -9.41
CA THR A 420 18.24 -28.24 -9.65
C THR A 420 18.74 -28.11 -11.09
N GLU A 421 19.94 -28.64 -11.34
CA GLU A 421 20.55 -28.62 -12.67
C GLU A 421 19.71 -29.39 -13.68
N ALA A 422 19.19 -30.53 -13.23
CA ALA A 422 18.32 -31.40 -14.04
C ALA A 422 16.98 -30.73 -14.30
N MET A 423 16.51 -29.94 -13.33
CA MET A 423 15.28 -29.17 -13.47
C MET A 423 15.38 -28.11 -14.57
N MET A 424 16.58 -27.61 -14.83
CA MET A 424 16.82 -26.65 -15.93
C MET A 424 16.61 -27.30 -17.30
N ASP A 425 17.04 -28.55 -17.45
CA ASP A 425 16.92 -29.27 -18.72
C ASP A 425 15.50 -29.79 -18.99
N GLU A 426 14.93 -30.52 -18.04
CA GLU A 426 13.57 -31.06 -18.18
C GLU A 426 12.56 -29.99 -18.58
N ALA A 427 12.70 -28.81 -17.97
CA ALA A 427 11.88 -27.65 -18.31
C ALA A 427 12.25 -27.11 -19.69
N ASN A 428 13.54 -27.17 -20.02
CA ASN A 428 14.06 -26.70 -21.30
C ASN A 428 13.48 -27.51 -22.45
N GLU A 429 13.39 -28.82 -22.25
CA GLU A 429 12.80 -29.71 -23.24
C GLU A 429 11.32 -29.34 -23.42
N LYS A 430 10.60 -29.24 -22.30
CA LYS A 430 9.18 -28.90 -22.28
C LYS A 430 8.87 -27.64 -23.08
N LYS A 431 9.72 -26.63 -22.96
CA LYS A 431 9.65 -25.44 -23.81
C LYS A 431 9.52 -25.85 -25.28
N GLY A 432 10.44 -26.68 -25.75
CA GLY A 432 10.50 -27.10 -27.15
C GLY A 432 9.30 -27.93 -27.57
N ALA A 433 8.80 -28.72 -26.63
CA ALA A 433 7.63 -29.54 -26.83
C ALA A 433 6.35 -28.71 -26.91
N ALA A 434 6.30 -27.61 -26.16
CA ALA A 434 5.13 -26.73 -26.16
C ALA A 434 5.09 -25.83 -27.38
N ILE A 435 6.26 -25.42 -27.87
CA ILE A 435 6.32 -24.58 -29.07
C ILE A 435 5.85 -25.40 -30.28
N ASP A 436 5.95 -26.72 -30.16
CA ASP A 436 5.45 -27.62 -31.20
C ASP A 436 3.92 -27.70 -31.21
N ALA A 437 3.31 -27.70 -30.04
CA ALA A 437 1.86 -27.72 -29.92
C ALA A 437 1.24 -26.42 -30.42
N LEU A 438 1.93 -25.30 -30.19
CA LEU A 438 1.49 -24.02 -30.76
C LEU A 438 1.62 -24.06 -32.27
N ASN A 439 2.78 -24.49 -32.76
CA ASN A 439 2.98 -24.66 -34.20
C ASN A 439 1.82 -25.44 -34.81
N ASP A 440 1.64 -26.68 -34.33
CA ASP A 440 0.59 -27.57 -34.84
C ASP A 440 -0.84 -27.01 -34.67
N GLY A 441 -1.08 -26.21 -33.62
CA GLY A 441 -2.36 -25.52 -33.47
C GLY A 441 -3.24 -25.95 -32.30
N GLU A 442 -2.72 -26.84 -31.46
CA GLU A 442 -3.40 -27.24 -30.22
C GLU A 442 -2.99 -26.33 -29.05
N LEU A 443 -3.77 -25.29 -28.83
CA LEU A 443 -3.37 -24.22 -27.92
C LEU A 443 -3.30 -24.61 -26.45
N GLN A 444 -4.27 -25.37 -25.96
CA GLN A 444 -4.26 -25.80 -24.56
C GLN A 444 -3.07 -26.68 -24.23
N LYS A 445 -2.69 -27.56 -25.17
CA LYS A 445 -1.53 -28.43 -24.95
C LYS A 445 -0.30 -27.56 -24.79
N ALA A 446 -0.15 -26.56 -25.66
CA ALA A 446 0.94 -25.59 -25.54
C ALA A 446 0.93 -24.87 -24.20
N ILE A 447 -0.26 -24.49 -23.71
CA ILE A 447 -0.37 -23.88 -22.40
C ILE A 447 0.00 -24.85 -21.29
N ASP A 448 -0.43 -26.11 -21.45
CA ASP A 448 -0.27 -27.12 -20.41
C ASP A 448 1.20 -27.49 -20.19
N LEU A 449 1.94 -27.59 -21.30
CA LEU A 449 3.35 -27.95 -21.22
C LEU A 449 4.22 -26.75 -20.80
N PHE A 450 3.77 -25.53 -21.08
CA PHE A 450 4.42 -24.34 -20.52
C PHE A 450 4.24 -24.31 -19.00
N THR A 451 3.08 -24.75 -18.53
CA THR A 451 2.81 -24.84 -17.09
C THR A 451 3.75 -25.84 -16.40
N ASP A 452 4.01 -26.96 -17.06
CA ASP A 452 4.99 -27.94 -16.60
C ASP A 452 6.41 -27.37 -16.67
N ALA A 453 6.65 -26.55 -17.70
CA ALA A 453 7.94 -25.87 -17.86
C ALA A 453 8.17 -24.85 -16.74
N ILE A 454 7.17 -24.00 -16.52
CA ILE A 454 7.20 -22.99 -15.46
C ILE A 454 7.31 -23.61 -14.05
N LYS A 455 6.50 -24.63 -13.75
CA LYS A 455 6.57 -25.32 -12.45
C LYS A 455 8.01 -25.80 -12.16
N LEU A 456 8.70 -26.26 -13.20
CA LEU A 456 10.06 -26.81 -13.10
C LEU A 456 11.16 -25.74 -13.13
N ASN A 457 10.97 -24.68 -13.91
CA ASN A 457 11.87 -23.52 -13.91
C ASN A 457 11.11 -22.18 -13.80
N PRO A 458 10.83 -21.75 -12.55
CA PRO A 458 10.01 -20.58 -12.27
C PRO A 458 10.70 -19.24 -12.50
N ARG A 459 11.94 -19.26 -12.98
CA ARG A 459 12.70 -18.02 -13.15
C ARG A 459 13.23 -17.71 -14.55
N LEU A 460 12.79 -18.46 -15.56
CA LEU A 460 13.11 -18.13 -16.94
C LEU A 460 12.01 -17.27 -17.51
N ALA A 461 12.33 -16.02 -17.81
CA ALA A 461 11.32 -15.05 -18.17
C ALA A 461 10.66 -15.30 -19.52
N ILE A 462 11.33 -16.05 -20.39
CA ILE A 462 10.74 -16.30 -21.69
C ILE A 462 9.58 -17.30 -21.60
N LEU A 463 9.67 -18.23 -20.65
CA LEU A 463 8.57 -19.10 -20.33
C LEU A 463 7.26 -18.31 -20.23
N TYR A 464 7.22 -17.34 -19.32
CA TYR A 464 6.01 -16.59 -19.05
C TYR A 464 5.52 -15.80 -20.27
N ALA A 465 6.46 -15.23 -21.02
CA ALA A 465 6.08 -14.43 -22.19
C ALA A 465 5.43 -15.29 -23.26
N LYS A 466 5.98 -16.49 -23.42
CA LYS A 466 5.53 -17.35 -24.50
C LYS A 466 4.17 -17.95 -24.17
N ARG A 467 3.93 -18.19 -22.87
CA ARG A 467 2.66 -18.70 -22.42
C ARG A 467 1.63 -17.61 -22.59
N ALA A 468 2.05 -16.37 -22.34
CA ALA A 468 1.19 -15.20 -22.51
C ALA A 468 0.76 -15.03 -23.97
N SER A 469 1.70 -15.27 -24.90
CA SER A 469 1.37 -15.29 -26.32
C SER A 469 0.23 -16.27 -26.57
N VAL A 470 0.33 -17.48 -26.04
CA VAL A 470 -0.71 -18.48 -26.26
C VAL A 470 -2.05 -18.08 -25.65
N PHE A 471 -2.02 -17.56 -24.43
CA PHE A 471 -3.23 -17.06 -23.77
C PHE A 471 -3.96 -15.99 -24.60
N VAL A 472 -3.22 -15.20 -25.38
CA VAL A 472 -3.82 -14.16 -26.20
C VAL A 472 -4.58 -14.80 -27.39
N LYS A 473 -3.91 -15.69 -28.11
CA LYS A 473 -4.55 -16.44 -29.20
C LYS A 473 -5.85 -17.09 -28.75
N LEU A 474 -5.95 -17.29 -27.44
CA LEU A 474 -7.03 -18.04 -26.80
C LEU A 474 -8.11 -17.12 -26.20
N GLN A 475 -7.92 -15.81 -26.40
CA GLN A 475 -8.86 -14.78 -25.99
C GLN A 475 -8.97 -14.73 -24.46
N LYS A 476 -7.84 -14.89 -23.80
CA LYS A 476 -7.77 -14.79 -22.35
C LYS A 476 -6.75 -13.75 -21.96
N PRO A 477 -7.03 -12.47 -22.26
CA PRO A 477 -6.03 -11.41 -22.00
C PRO A 477 -5.62 -11.24 -20.52
N ASN A 478 -6.56 -11.30 -19.58
CA ASN A 478 -6.19 -11.19 -18.17
C ASN A 478 -5.10 -12.20 -17.87
N ALA A 479 -5.34 -13.46 -18.23
CA ALA A 479 -4.33 -14.50 -18.01
C ALA A 479 -2.96 -14.13 -18.62
N ALA A 480 -2.96 -13.61 -19.83
CA ALA A 480 -1.74 -13.13 -20.47
C ALA A 480 -1.13 -12.01 -19.64
N ILE A 481 -1.89 -10.96 -19.33
CA ILE A 481 -1.40 -9.86 -18.48
C ILE A 481 -0.68 -10.40 -17.24
N ARG A 482 -1.24 -11.43 -16.62
CA ARG A 482 -0.59 -12.00 -15.47
C ARG A 482 0.80 -12.50 -15.83
N ASP A 483 0.93 -13.24 -16.93
CA ASP A 483 2.19 -13.89 -17.27
C ASP A 483 3.22 -12.82 -17.62
N CYS A 484 2.77 -11.82 -18.36
CA CYS A 484 3.65 -10.69 -18.73
C CYS A 484 4.09 -9.91 -17.52
N ASP A 485 3.17 -9.66 -16.58
CA ASP A 485 3.54 -9.03 -15.32
C ASP A 485 4.71 -9.78 -14.66
N ARG A 486 4.59 -11.10 -14.55
CA ARG A 486 5.68 -11.91 -14.00
C ARG A 486 7.00 -11.79 -14.77
N ALA A 487 6.95 -11.90 -16.10
CA ALA A 487 8.17 -11.85 -16.90
C ALA A 487 8.93 -10.54 -16.70
N ILE A 488 8.17 -9.44 -16.71
CA ILE A 488 8.71 -8.09 -16.61
C ILE A 488 9.30 -7.88 -15.21
N GLU A 489 8.74 -8.57 -14.22
CA GLU A 489 9.33 -8.60 -12.90
C GLU A 489 10.71 -9.26 -12.99
N ILE A 490 10.77 -10.45 -13.57
CA ILE A 490 12.04 -11.19 -13.68
C ILE A 490 13.07 -10.42 -14.51
N ASN A 491 12.65 -9.88 -15.64
CA ASN A 491 13.55 -9.15 -16.52
C ASN A 491 12.87 -8.00 -17.27
N PRO A 492 12.89 -6.79 -16.70
CA PRO A 492 12.17 -5.63 -17.29
C PRO A 492 12.66 -5.20 -18.67
N ASP A 493 13.71 -5.82 -19.15
CA ASP A 493 14.35 -5.44 -20.41
C ASP A 493 13.95 -6.29 -21.59
N SER A 494 13.50 -7.51 -21.36
CA SER A 494 13.09 -8.36 -22.47
C SER A 494 11.91 -7.70 -23.19
N ALA A 495 11.93 -7.75 -24.52
CA ALA A 495 10.94 -7.07 -25.35
C ALA A 495 9.61 -7.82 -25.56
N GLN A 496 9.68 -9.15 -25.70
CA GLN A 496 8.47 -9.97 -25.86
C GLN A 496 7.27 -9.68 -24.92
N PRO A 497 7.50 -9.54 -23.60
CA PRO A 497 6.34 -9.38 -22.72
C PRO A 497 5.60 -8.08 -22.93
N TYR A 498 6.32 -7.03 -23.31
CA TYR A 498 5.65 -5.77 -23.58
C TYR A 498 4.80 -5.97 -24.82
N LYS A 499 5.33 -6.66 -25.84
CA LYS A 499 4.56 -6.89 -27.07
C LYS A 499 3.21 -7.55 -26.79
N TRP A 500 3.19 -8.59 -25.95
CA TRP A 500 1.97 -9.35 -25.70
C TRP A 500 1.05 -8.74 -24.68
N ARG A 501 1.59 -7.92 -23.78
CA ARG A 501 0.74 -7.29 -22.78
C ARG A 501 0.03 -6.17 -23.47
N GLY A 502 0.71 -5.55 -24.42
CA GLY A 502 0.11 -4.54 -25.26
C GLY A 502 -1.11 -5.10 -25.92
N LYS A 503 -0.94 -6.24 -26.58
CA LYS A 503 -2.06 -6.87 -27.27
C LYS A 503 -3.16 -7.18 -26.27
N ALA A 504 -2.79 -7.73 -25.12
CA ALA A 504 -3.81 -8.11 -24.16
C ALA A 504 -4.61 -6.91 -23.69
N HIS A 505 -3.93 -5.82 -23.37
CA HIS A 505 -4.58 -4.62 -22.87
C HIS A 505 -5.55 -4.10 -23.92
N ARG A 506 -5.05 -4.00 -25.16
CA ARG A 506 -5.86 -3.56 -26.30
C ARG A 506 -7.09 -4.45 -26.39
N LEU A 507 -6.90 -5.76 -26.30
CA LEU A 507 -8.04 -6.66 -26.27
C LEU A 507 -9.10 -6.28 -25.22
N LEU A 508 -8.69 -5.54 -24.19
CA LEU A 508 -9.60 -5.25 -23.09
C LEU A 508 -10.09 -3.80 -23.02
N GLY A 509 -9.66 -2.96 -23.96
CA GLY A 509 -10.00 -1.56 -23.95
C GLY A 509 -9.13 -0.72 -23.03
N HIS A 510 -8.03 -1.29 -22.52
CA HIS A 510 -7.08 -0.54 -21.68
C HIS A 510 -6.17 0.28 -22.60
N TRP A 511 -6.69 1.36 -23.14
CA TRP A 511 -6.04 2.08 -24.23
C TRP A 511 -4.67 2.68 -23.89
N GLU A 512 -4.59 3.44 -22.79
CA GLU A 512 -3.30 4.05 -22.39
C GLU A 512 -2.24 3.02 -22.00
N GLU A 513 -2.69 1.91 -21.43
CA GLU A 513 -1.80 0.84 -21.02
C GLU A 513 -1.24 0.16 -22.26
N ALA A 514 -2.11 -0.11 -23.23
CA ALA A 514 -1.70 -0.69 -24.50
C ALA A 514 -0.66 0.15 -25.25
N ALA A 515 -0.90 1.46 -25.38
CA ALA A 515 0.06 2.35 -26.03
C ALA A 515 1.44 2.47 -25.35
N ARG A 516 1.50 2.33 -24.03
CA ARG A 516 2.79 2.35 -23.34
C ARG A 516 3.61 1.13 -23.69
N ASP A 517 2.97 -0.04 -23.58
CA ASP A 517 3.65 -1.31 -23.82
C ASP A 517 4.01 -1.49 -25.28
N LEU A 518 3.07 -1.22 -26.18
CA LEU A 518 3.35 -1.42 -27.59
C LEU A 518 4.44 -0.48 -28.08
N ALA A 519 4.50 0.72 -27.51
CA ALA A 519 5.59 1.63 -27.89
C ALA A 519 6.91 1.16 -27.29
N LEU A 520 6.90 0.78 -26.02
CA LEU A 520 8.12 0.23 -25.41
C LEU A 520 8.61 -1.04 -26.11
N ALA A 521 7.70 -1.93 -26.48
CA ALA A 521 8.04 -3.10 -27.27
C ALA A 521 8.69 -2.73 -28.61
N CYS A 522 8.19 -1.69 -29.25
CA CYS A 522 8.71 -1.26 -30.53
C CYS A 522 10.10 -0.61 -30.45
N LYS A 523 10.45 -0.06 -29.29
CA LYS A 523 11.75 0.58 -29.11
C LYS A 523 12.80 -0.52 -28.97
N LEU A 524 12.55 -1.41 -28.01
CA LEU A 524 13.43 -2.53 -27.71
C LEU A 524 13.55 -3.51 -28.88
N ASP A 525 12.44 -3.81 -29.54
CA ASP A 525 12.44 -4.80 -30.64
C ASP A 525 11.30 -4.61 -31.63
N TYR A 526 11.57 -3.83 -32.68
CA TYR A 526 10.57 -3.46 -33.66
C TYR A 526 9.85 -4.63 -34.33
N ASP A 527 8.52 -4.66 -34.21
CA ASP A 527 7.63 -5.54 -34.99
C ASP A 527 6.76 -4.69 -35.89
N GLU A 528 6.55 -5.12 -37.13
CA GLU A 528 5.55 -4.43 -37.97
C GLU A 528 4.17 -4.49 -37.31
N ASP A 529 3.86 -5.61 -36.65
CA ASP A 529 2.52 -5.85 -36.12
C ASP A 529 2.24 -4.92 -34.97
N ALA A 530 3.14 -4.95 -33.98
CA ALA A 530 3.03 -4.10 -32.82
C ALA A 530 3.03 -2.64 -33.26
N SER A 531 3.88 -2.31 -34.24
CA SER A 531 3.91 -0.97 -34.77
C SER A 531 2.53 -0.48 -35.25
N ALA A 532 1.79 -1.34 -35.94
CA ALA A 532 0.47 -0.95 -36.41
C ALA A 532 -0.55 -0.97 -35.26
N MET A 533 -0.51 -2.01 -34.42
CA MET A 533 -1.29 -2.00 -33.20
C MET A 533 -1.23 -0.65 -32.48
N LEU A 534 0.01 -0.16 -32.28
CA LEU A 534 0.22 1.12 -31.63
C LEU A 534 -0.43 2.26 -32.40
N ARG A 535 -0.14 2.36 -33.70
CA ARG A 535 -0.77 3.37 -34.57
C ARG A 535 -2.30 3.35 -34.46
N GLU A 536 -2.85 2.14 -34.40
CA GLU A 536 -4.29 1.92 -34.31
C GLU A 536 -4.82 2.35 -32.94
N VAL A 537 -3.96 2.22 -31.93
CA VAL A 537 -4.27 2.44 -30.53
C VAL A 537 -4.14 3.91 -30.08
N GLN A 538 -3.19 4.64 -30.66
CA GLN A 538 -2.86 6.02 -30.24
C GLN A 538 -4.04 6.99 -30.12
N PRO A 539 -4.85 7.12 -31.18
CA PRO A 539 -5.91 8.12 -31.09
C PRO A 539 -6.82 7.96 -29.87
N ARG A 540 -7.13 6.72 -29.49
CA ARG A 540 -7.87 6.49 -28.25
C ARG A 540 -7.10 6.96 -26.99
N ALA A 541 -5.86 6.53 -26.84
CA ALA A 541 -5.07 6.86 -25.65
C ALA A 541 -4.90 8.37 -25.44
N GLN A 542 -4.55 9.09 -26.51
CA GLN A 542 -4.32 10.52 -26.40
C GLN A 542 -5.59 11.37 -26.22
N LYS A 543 -6.74 10.86 -26.63
CA LYS A 543 -7.99 11.60 -26.39
C LYS A 543 -8.42 11.48 -24.93
N ILE A 544 -8.10 10.35 -24.32
CA ILE A 544 -8.35 10.08 -22.90
C ILE A 544 -7.40 10.87 -22.05
N ALA A 545 -6.12 10.74 -22.36
CA ALA A 545 -5.05 11.45 -21.69
C ALA A 545 -5.23 12.96 -21.75
N GLU A 546 -5.70 13.47 -22.89
CA GLU A 546 -5.88 14.90 -23.01
C GLU A 546 -7.02 15.35 -22.13
N HIS A 547 -8.01 14.48 -21.94
CA HIS A 547 -9.22 14.86 -21.23
C HIS A 547 -9.01 14.78 -19.73
N ARG A 548 -8.18 13.83 -19.30
CA ARG A 548 -7.84 13.73 -17.90
C ARG A 548 -6.95 14.90 -17.47
N ARG A 549 -6.03 15.29 -18.35
CA ARG A 549 -5.11 16.37 -18.06
C ARG A 549 -5.83 17.70 -17.90
N LYS A 550 -6.81 17.93 -18.77
CA LYS A 550 -7.63 19.14 -18.74
C LYS A 550 -8.36 19.28 -17.40
N TYR A 551 -8.93 18.16 -16.95
CA TYR A 551 -9.70 18.07 -15.71
C TYR A 551 -8.85 18.44 -14.51
N GLU A 552 -7.64 17.88 -14.49
CA GLU A 552 -6.67 18.10 -13.42
C GLU A 552 -6.18 19.54 -13.40
N ARG A 553 -5.99 20.14 -14.57
CA ARG A 553 -5.64 21.57 -14.68
C ARG A 553 -6.71 22.47 -14.06
N LYS A 554 -7.99 22.14 -14.31
CA LYS A 554 -9.13 22.85 -13.75
C LYS A 554 -9.16 22.74 -12.21
N ARG A 555 -8.69 21.60 -11.70
CA ARG A 555 -8.61 21.35 -10.26
C ARG A 555 -7.24 21.72 -9.62
N GLU A 556 -6.27 22.12 -10.46
CA GLU A 556 -4.99 22.66 -9.98
C GLU A 556 -5.15 24.12 -9.53
N GLU A 557 -6.13 24.83 -10.11
CA GLU A 557 -6.44 26.21 -9.75
C GLU A 557 -7.08 26.28 -8.35
PB ADP B . -1.00 4.59 9.98
O1B ADP B . 0.21 3.80 9.53
O2B ADP B . -1.68 5.36 8.88
O3B ADP B . -0.87 5.39 11.27
PA ADP B . -3.48 3.63 11.12
O1A ADP B . -4.16 4.93 10.69
O2A ADP B . -4.21 2.33 10.86
O3A ADP B . -2.05 3.43 10.38
O5' ADP B . -3.06 3.64 12.67
C5' ADP B . -2.49 2.46 13.28
C4' ADP B . -2.50 2.60 14.80
O4' ADP B . -3.85 2.69 15.29
C3' ADP B . -1.83 1.44 15.53
O3' ADP B . -0.90 1.96 16.49
C2' ADP B . -2.97 0.80 16.27
O2' ADP B . -2.58 0.30 17.57
C1' ADP B . -4.00 1.89 16.44
N9 ADP B . -5.34 1.28 16.50
C8 ADP B . -6.00 0.67 15.49
N7 ADP B . -7.21 0.22 15.91
C5 ADP B . -7.34 0.53 17.21
C6 ADP B . -8.37 0.35 18.25
N6 ADP B . -9.53 -0.28 18.00
N1 ADP B . -8.09 0.83 19.49
C2 ADP B . -6.94 1.46 19.77
N3 ADP B . -5.95 1.66 18.86
C4 ADP B . -6.10 1.24 17.59
MG MG C . -2.09 7.19 8.55
P PO4 D . 0.97 8.39 8.29
O1 PO4 D . 2.00 8.35 9.39
O2 PO4 D . 1.22 9.55 7.36
O3 PO4 D . -0.42 8.56 8.84
O4 PO4 D . 1.02 7.07 7.55
I IOD E . -4.12 -6.92 17.39
I IOD F . 2.80 -15.57 10.16
I IOD G . -11.32 7.12 -30.88
I IOD H . 12.25 -7.13 18.44
I IOD I . -16.31 25.48 18.86
I IOD J . -7.58 15.16 -9.04
I IOD K . 0.54 13.63 -9.36
I IOD L . 4.51 13.53 -7.93
I IOD M . 17.80 -8.43 -4.03
I IOD N . 14.27 -8.65 -3.85
I IOD O . 13.74 -7.67 39.84
I IOD P . -5.08 -1.86 36.14
I IOD Q . -14.91 4.90 16.00
I IOD R . 2.76 -4.87 17.76
I IOD S . -13.24 19.19 -17.54
I IOD T . -3.97 -9.69 -30.75
I IOD U . 6.16 -19.87 -28.56
#